data_4L48
#
_entry.id   4L48
#
_cell.length_a   65.758
_cell.length_b   34.555
_cell.length_c   81.144
_cell.angle_alpha   90.00
_cell.angle_beta   95.57
_cell.angle_gamma   90.00
#
_symmetry.space_group_name_H-M   'P 1 21 1'
#
loop_
_entity.id
_entity.type
_entity.pdbx_description
1 polymer 'cellulose binding protein'
2 branched beta-D-glucopyranose-(1-4)-beta-D-glucopyranose-(1-4)-beta-D-glucopyranose-(1-4)-beta-D-glucopyranose-(1-4)-beta-D-glucopyranose-(1-4)-beta-D-glucopyranose
3 water water
#
_entity_poly.entity_id   1
_entity_poly.type   'polypeptide(L)'
_entity_poly.pdbx_seq_one_letter_code
;MTTHGRATHYSLGQGNTIANGNCSMPAVPADRMYVAVSSPEYSGAAACGTFLDVTGPKGTVRVQVADQCHGCEVGHLNLS
EEAFRALGDFNAGIIPISYVTVRDPAGPTVAIRVKEGSSRWWAGLQVLNAGNRIDRVEIQAGRQWLPLTRTDYGYWVTPS
PIQDGPLTVKVTDQYGRAVVLPGLRMAPGEIQRTASRFYPVH
;
_entity_poly.pdbx_strand_id   A,C
#
loop_
_chem_comp.id
_chem_comp.type
_chem_comp.name
_chem_comp.formula
BGC D-saccharide, beta linking beta-D-glucopyranose 'C6 H12 O6'
#
# COMPACT_ATOMS: atom_id res chain seq x y z
N MET A 1 5.93 24.85 19.69
CA MET A 1 6.10 24.69 21.13
C MET A 1 6.40 23.23 21.47
N THR A 2 7.17 23.01 22.53
CA THR A 2 7.55 21.66 22.93
C THR A 2 6.38 20.90 23.54
N THR A 3 6.07 19.75 22.96
CA THR A 3 5.02 18.88 23.48
C THR A 3 5.64 17.73 24.25
N HIS A 4 5.19 17.54 25.48
CA HIS A 4 5.67 16.43 26.31
C HIS A 4 4.63 15.31 26.31
N GLY A 5 5.09 14.09 26.04
CA GLY A 5 4.17 12.96 25.98
C GLY A 5 4.82 11.60 26.05
N ARG A 6 4.26 10.64 25.33
CA ARG A 6 4.76 9.27 25.34
C ARG A 6 4.68 8.67 23.93
N ALA A 7 5.33 7.53 23.73
CA ALA A 7 5.39 6.93 22.41
C ALA A 7 5.23 5.41 22.43
N THR A 8 4.40 4.91 21.53
CA THR A 8 4.30 3.48 21.26
C THR A 8 4.85 3.22 19.87
N HIS A 9 4.82 1.97 19.41
CA HIS A 9 5.36 1.64 18.10
C HIS A 9 4.41 0.84 17.21
N TYR A 10 4.52 1.05 15.90
CA TYR A 10 3.75 0.31 14.92
C TYR A 10 4.49 0.35 13.59
N SER A 11 3.92 -0.28 12.56
CA SER A 11 4.58 -0.32 11.25
C SER A 11 3.62 -0.13 10.08
N LEU A 12 4.08 0.56 9.06
CA LEU A 12 3.33 0.71 7.82
C LEU A 12 3.81 -0.30 6.79
N GLY A 13 4.71 -1.18 7.20
CA GLY A 13 5.23 -2.22 6.33
C GLY A 13 6.09 -1.68 5.21
N GLN A 14 6.25 -2.47 4.15
CA GLN A 14 6.99 -2.04 2.98
C GLN A 14 6.15 -1.09 2.14
N GLY A 15 4.83 -1.24 2.24
CA GLY A 15 3.89 -0.36 1.58
C GLY A 15 3.88 -0.49 0.07
N ASN A 16 3.14 0.41 -0.58
CA ASN A 16 3.11 0.44 -2.04
C ASN A 16 3.64 1.76 -2.59
N THR A 17 3.32 2.05 -3.85
CA THR A 17 3.79 3.26 -4.48
C THR A 17 2.65 4.23 -4.78
N ILE A 18 1.56 4.08 -4.03
CA ILE A 18 0.37 4.90 -4.26
C ILE A 18 -0.05 5.68 -3.02
N ALA A 19 -0.32 4.97 -1.93
CA ALA A 19 -0.77 5.61 -0.70
C ALA A 19 -0.30 4.85 0.54
N ASN A 20 0.50 5.53 1.36
CA ASN A 20 1.03 4.93 2.58
C ASN A 20 0.76 5.80 3.80
N GLY A 21 0.02 5.26 4.75
CA GLY A 21 -0.39 6.03 5.91
C GLY A 21 -1.56 6.92 5.55
N ASN A 22 -2.20 7.51 6.56
CA ASN A 22 -3.36 8.36 6.33
C ASN A 22 -3.02 9.57 5.45
N CYS A 23 -1.77 10.01 5.50
CA CYS A 23 -1.32 11.14 4.69
C CYS A 23 -1.14 10.75 3.22
N SER A 24 -1.33 9.46 2.93
CA SER A 24 -1.20 8.92 1.58
C SER A 24 0.17 9.22 0.96
N MET A 25 1.22 8.86 1.68
CA MET A 25 2.58 9.01 1.15
C MET A 25 2.74 8.16 -0.10
N PRO A 26 3.45 8.70 -1.10
CA PRO A 26 3.72 7.94 -2.32
C PRO A 26 4.63 6.75 -2.05
N ALA A 27 5.32 6.78 -0.90
CA ALA A 27 6.17 5.67 -0.48
C ALA A 27 6.48 5.74 1.00
N VAL A 28 6.61 4.58 1.64
CA VAL A 28 7.11 4.51 3.00
C VAL A 28 8.58 4.90 2.96
N PRO A 29 8.97 5.89 3.79
CA PRO A 29 10.34 6.41 3.83
C PRO A 29 11.38 5.30 3.91
N ALA A 30 12.40 5.39 3.07
CA ALA A 30 13.44 4.36 3.01
C ALA A 30 14.23 4.28 4.31
N ASP A 31 14.32 5.40 5.02
CA ASP A 31 14.99 5.43 6.31
C ASP A 31 14.08 4.94 7.43
N ARG A 32 12.81 4.70 7.07
CA ARG A 32 11.80 4.16 7.98
C ARG A 32 11.58 5.04 9.22
N MET A 33 11.76 6.34 9.06
CA MET A 33 11.55 7.29 10.16
C MET A 33 10.25 8.06 9.96
N TYR A 34 9.15 7.46 10.42
CA TYR A 34 7.84 8.08 10.30
C TYR A 34 7.05 7.94 11.59
N VAL A 35 5.94 8.67 11.70
CA VAL A 35 5.15 8.67 12.91
C VAL A 35 3.67 8.96 12.63
N ALA A 36 2.80 8.36 13.43
CA ALA A 36 1.37 8.67 13.39
C ALA A 36 1.01 9.53 14.59
N VAL A 37 0.30 10.62 14.36
CA VAL A 37 -0.06 11.54 15.44
C VAL A 37 -1.53 11.39 15.81
N SER A 38 -1.89 11.92 16.99
CA SER A 38 -3.27 11.88 17.46
C SER A 38 -4.20 12.66 16.55
N SER A 39 -5.49 12.40 16.66
CA SER A 39 -6.49 13.08 15.83
C SER A 39 -6.47 14.61 15.90
N PRO A 40 -6.40 15.19 17.12
CA PRO A 40 -6.32 16.66 17.17
C PRO A 40 -5.03 17.18 16.54
N GLU A 41 -3.92 16.48 16.76
CA GLU A 41 -2.63 16.89 16.21
C GLU A 41 -2.57 16.65 14.70
N TYR A 42 -3.35 15.68 14.23
CA TYR A 42 -3.44 15.38 12.81
C TYR A 42 -4.06 16.56 12.08
N SER A 43 -5.07 17.16 12.71
CA SER A 43 -5.69 18.39 12.23
C SER A 43 -6.18 18.30 10.79
N GLY A 44 -6.90 17.23 10.48
CA GLY A 44 -7.43 17.03 9.14
C GLY A 44 -6.33 16.93 8.09
N ALA A 45 -5.25 16.21 8.45
CA ALA A 45 -4.12 15.97 7.57
C ALA A 45 -3.27 17.21 7.26
N ALA A 46 -3.45 18.26 8.06
CA ALA A 46 -2.66 19.47 7.89
C ALA A 46 -1.21 19.26 8.32
N ALA A 47 -1.01 18.30 9.22
CA ALA A 47 0.32 18.00 9.74
C ALA A 47 1.08 17.06 8.82
N CYS A 48 0.42 16.57 7.78
CA CYS A 48 1.05 15.67 6.82
C CYS A 48 2.22 16.35 6.11
N GLY A 49 3.31 15.61 5.96
CA GLY A 49 4.48 16.12 5.27
C GLY A 49 5.49 16.79 6.21
N THR A 50 5.00 17.28 7.34
CA THR A 50 5.85 17.96 8.31
C THR A 50 6.75 16.96 9.03
N PHE A 51 7.75 17.48 9.75
CA PHE A 51 8.69 16.62 10.46
C PHE A 51 8.73 16.94 11.95
N LEU A 52 8.96 15.91 12.75
CA LEU A 52 9.06 16.08 14.20
C LEU A 52 10.43 15.64 14.71
N ASP A 53 11.04 16.46 15.55
CA ASP A 53 12.24 16.05 16.27
C ASP A 53 11.83 15.50 17.62
N VAL A 54 11.78 14.18 17.72
CA VAL A 54 11.30 13.51 18.93
C VAL A 54 12.45 13.12 19.84
N THR A 55 12.48 13.71 21.04
CA THR A 55 13.50 13.40 22.03
C THR A 55 13.07 12.20 22.87
N GLY A 56 13.92 11.17 22.91
CA GLY A 56 13.64 9.98 23.70
C GLY A 56 14.76 9.67 24.67
N PRO A 57 14.65 8.53 25.36
CA PRO A 57 15.64 8.07 26.34
C PRO A 57 17.06 7.95 25.75
N LYS A 58 17.16 7.50 24.51
CA LYS A 58 18.47 7.32 23.89
C LYS A 58 18.86 8.46 22.95
N GLY A 59 18.09 9.54 22.97
CA GLY A 59 18.42 10.72 22.18
C GLY A 59 17.25 11.35 21.45
N THR A 60 17.53 11.89 20.26
CA THR A 60 16.52 12.59 19.48
C THR A 60 16.63 12.26 18.00
N VAL A 61 15.52 11.79 17.40
CA VAL A 61 15.50 11.51 15.97
C VAL A 61 14.40 12.30 15.25
N ARG A 62 14.62 12.54 13.97
CA ARG A 62 13.64 13.26 13.15
C ARG A 62 12.77 12.30 12.37
N VAL A 63 11.45 12.46 12.50
CA VAL A 63 10.50 11.59 11.82
C VAL A 63 9.48 12.40 11.02
N GLN A 64 8.98 11.81 9.93
CA GLN A 64 7.98 12.46 9.10
C GLN A 64 6.57 12.08 9.54
N VAL A 65 5.72 13.07 9.75
CA VAL A 65 4.32 12.82 10.04
C VAL A 65 3.67 12.15 8.83
N ALA A 66 3.15 10.95 9.03
CA ALA A 66 2.76 10.10 7.91
C ALA A 66 1.36 9.51 8.03
N ASP A 67 0.82 9.51 9.24
CA ASP A 67 -0.40 8.76 9.50
C ASP A 67 -1.19 9.36 10.67
N GLN A 68 -2.43 8.92 10.82
CA GLN A 68 -3.26 9.37 11.94
C GLN A 68 -3.49 8.24 12.93
N CYS A 69 -3.12 8.48 14.19
CA CYS A 69 -3.37 7.51 15.24
C CYS A 69 -4.65 7.89 15.99
N HIS A 70 -5.77 7.32 15.57
CA HIS A 70 -7.06 7.61 16.17
C HIS A 70 -7.11 7.24 17.65
N GLY A 71 -6.38 6.20 18.02
CA GLY A 71 -6.36 5.72 19.39
C GLY A 71 -5.42 6.48 20.30
N CYS A 72 -4.56 7.30 19.70
CA CYS A 72 -3.58 8.07 20.48
C CYS A 72 -4.20 9.36 21.02
N GLU A 73 -3.82 9.70 22.25
CA GLU A 73 -4.24 10.97 22.84
C GLU A 73 -3.22 12.04 22.50
N VAL A 74 -3.52 13.29 22.85
CA VAL A 74 -2.60 14.39 22.60
C VAL A 74 -1.30 14.18 23.37
N GLY A 75 -0.18 14.18 22.65
CA GLY A 75 1.12 13.94 23.24
C GLY A 75 1.60 12.54 22.98
N HIS A 76 0.69 11.66 22.56
CA HIS A 76 1.02 10.28 22.28
C HIS A 76 1.33 10.07 20.80
N LEU A 77 2.59 9.77 20.51
CA LEU A 77 3.02 9.51 19.14
C LEU A 77 3.09 8.00 18.89
N ASN A 78 2.65 7.59 17.71
CA ASN A 78 2.81 6.21 17.29
C ASN A 78 4.00 6.11 16.34
N LEU A 79 5.18 5.90 16.89
CA LEU A 79 6.41 5.89 16.12
C LEU A 79 6.54 4.61 15.29
N SER A 80 7.31 4.69 14.21
CA SER A 80 7.70 3.50 13.47
C SER A 80 8.61 2.68 14.37
N GLU A 81 8.68 1.37 14.13
CA GLU A 81 9.48 0.49 14.97
C GLU A 81 10.96 0.86 14.96
N GLU A 82 11.43 1.33 13.80
CA GLU A 82 12.82 1.75 13.65
C GLU A 82 13.12 3.01 14.46
N ALA A 83 12.18 3.95 14.44
CA ALA A 83 12.32 5.19 15.19
C ALA A 83 12.22 4.93 16.69
N PHE A 84 11.38 3.95 17.05
CA PHE A 84 11.19 3.60 18.45
C PHE A 84 12.46 2.98 19.02
N ARG A 85 13.04 2.04 18.29
CA ARG A 85 14.25 1.34 18.72
C ARG A 85 15.45 2.29 18.85
N ALA A 86 15.42 3.38 18.08
CA ALA A 86 16.51 4.35 18.12
C ALA A 86 16.38 5.29 19.31
N LEU A 87 15.16 5.42 19.82
CA LEU A 87 14.88 6.31 20.93
C LEU A 87 14.91 5.56 22.26
N GLY A 88 14.39 4.34 22.25
CA GLY A 88 14.30 3.55 23.46
C GLY A 88 14.37 2.06 23.20
N ASP A 89 14.17 1.28 24.26
CA ASP A 89 14.19 -0.17 24.14
C ASP A 89 12.85 -0.67 23.64
N PHE A 90 12.89 -1.55 22.63
CA PHE A 90 11.68 -2.05 21.99
C PHE A 90 10.79 -2.84 22.95
N ASN A 91 11.42 -3.56 23.88
CA ASN A 91 10.69 -4.39 24.82
C ASN A 91 9.91 -3.59 25.86
N ALA A 92 10.23 -2.30 25.96
CA ALA A 92 9.56 -1.42 26.92
C ALA A 92 8.12 -1.15 26.50
N GLY A 93 7.87 -1.13 25.20
CA GLY A 93 6.54 -0.92 24.67
C GLY A 93 6.10 0.54 24.67
N ILE A 94 6.34 1.22 25.79
CA ILE A 94 6.01 2.63 25.93
C ILE A 94 7.23 3.39 26.43
N ILE A 95 7.48 4.57 25.84
CA ILE A 95 8.61 5.40 26.26
C ILE A 95 8.21 6.87 26.44
N PRO A 96 8.80 7.53 27.44
CA PRO A 96 8.56 8.96 27.67
C PRO A 96 9.30 9.82 26.64
N ILE A 97 8.60 10.77 26.03
CA ILE A 97 9.20 11.59 24.99
C ILE A 97 8.85 13.06 25.10
N SER A 98 9.52 13.87 24.28
CA SER A 98 9.19 15.27 24.09
C SER A 98 9.56 15.63 22.66
N TYR A 99 8.73 16.41 21.99
CA TYR A 99 8.95 16.68 20.58
C TYR A 99 8.48 18.06 20.11
N VAL A 100 9.10 18.53 19.04
CA VAL A 100 8.73 19.79 18.41
C VAL A 100 8.58 19.59 16.91
N THR A 101 7.68 20.37 16.30
CA THR A 101 7.56 20.38 14.86
C THR A 101 8.70 21.21 14.28
N VAL A 102 9.46 20.62 13.37
CA VAL A 102 10.61 21.29 12.78
C VAL A 102 10.18 22.43 11.87
N ARG A 103 10.70 23.62 12.12
CA ARG A 103 10.42 24.77 11.28
C ARG A 103 11.42 24.90 10.14
N ASP A 104 10.91 24.88 8.92
CA ASP A 104 11.73 24.93 7.71
C ASP A 104 12.90 23.92 7.71
N PRO A 105 12.57 22.62 7.66
CA PRO A 105 13.63 21.61 7.63
C PRO A 105 14.29 21.56 6.26
N ALA A 106 15.58 21.24 6.22
CA ALA A 106 16.29 21.10 4.97
C ALA A 106 15.75 19.91 4.19
N GLY A 107 15.45 20.12 2.91
CA GLY A 107 14.89 19.07 2.07
C GLY A 107 15.00 19.38 0.60
N PRO A 108 14.48 18.47 -0.24
CA PRO A 108 14.52 18.64 -1.70
C PRO A 108 13.49 19.65 -2.18
N THR A 109 13.43 19.85 -3.50
CA THR A 109 12.49 20.80 -4.08
C THR A 109 11.05 20.30 -4.01
N VAL A 110 10.10 21.22 -4.13
CA VAL A 110 8.68 20.89 -4.06
C VAL A 110 8.28 19.96 -5.21
N ALA A 111 7.47 18.96 -4.91
CA ALA A 111 6.96 18.05 -5.93
C ALA A 111 5.44 17.93 -5.83
N ILE A 112 4.78 17.80 -6.97
CA ILE A 112 3.33 17.66 -7.01
C ILE A 112 2.91 16.32 -7.61
N ARG A 113 1.99 15.64 -6.92
CA ARG A 113 1.45 14.38 -7.40
C ARG A 113 -0.05 14.50 -7.65
N VAL A 114 -0.46 14.33 -8.90
CA VAL A 114 -1.87 14.31 -9.25
C VAL A 114 -2.44 12.92 -8.94
N LYS A 115 -3.56 12.89 -8.24
CA LYS A 115 -4.12 11.62 -7.78
C LYS A 115 -4.70 10.79 -8.91
N GLU A 116 -4.73 9.47 -8.71
CA GLU A 116 -5.37 8.56 -9.65
C GLU A 116 -6.86 8.88 -9.77
N GLY A 117 -7.38 8.83 -10.98
CA GLY A 117 -8.79 9.10 -11.22
C GLY A 117 -9.07 10.58 -11.45
N SER A 118 -8.03 11.39 -11.44
CA SER A 118 -8.19 12.83 -11.65
C SER A 118 -8.44 13.18 -13.11
N SER A 119 -9.41 14.06 -13.33
CA SER A 119 -9.71 14.57 -14.66
C SER A 119 -9.96 16.07 -14.57
N ARG A 120 -10.62 16.62 -15.58
CA ARG A 120 -10.97 18.04 -15.55
C ARG A 120 -12.25 18.23 -14.75
N TRP A 121 -13.01 17.16 -14.56
CA TRP A 121 -14.24 17.20 -13.80
C TRP A 121 -13.98 17.11 -12.31
N TRP A 122 -12.87 16.44 -11.96
CA TRP A 122 -12.46 16.29 -10.57
C TRP A 122 -10.98 15.93 -10.52
N ALA A 123 -10.24 16.60 -9.65
CA ALA A 123 -8.81 16.34 -9.54
C ALA A 123 -8.31 16.48 -8.10
N GLY A 124 -7.30 15.68 -7.77
CA GLY A 124 -6.69 15.74 -6.46
C GLY A 124 -5.20 15.97 -6.55
N LEU A 125 -4.71 16.97 -5.81
CA LEU A 125 -3.29 17.30 -5.82
C LEU A 125 -2.65 17.04 -4.47
N GLN A 126 -1.45 16.45 -4.50
CA GLN A 126 -0.65 16.28 -3.29
C GLN A 126 0.63 17.08 -3.40
N VAL A 127 0.89 17.93 -2.42
CA VAL A 127 2.10 18.73 -2.40
C VAL A 127 3.17 18.06 -1.55
N LEU A 128 4.36 17.88 -2.11
CA LEU A 128 5.43 17.18 -1.43
C LEU A 128 6.63 18.08 -1.17
N ASN A 129 7.36 17.79 -0.09
CA ASN A 129 8.60 18.49 0.24
C ASN A 129 8.45 19.99 0.46
N ALA A 130 7.27 20.42 0.89
CA ALA A 130 7.02 21.82 1.19
C ALA A 130 7.82 22.26 2.42
N GLY A 131 7.99 21.34 3.36
CA GLY A 131 8.75 21.61 4.56
C GLY A 131 7.87 21.86 5.78
N ASN A 132 6.80 22.61 5.59
CA ASN A 132 5.90 22.95 6.68
C ASN A 132 4.44 22.71 6.34
N ARG A 133 3.54 23.21 7.18
CA ARG A 133 2.12 23.08 6.96
C ARG A 133 1.68 23.97 5.80
N ILE A 134 0.75 23.46 4.99
CA ILE A 134 0.22 24.20 3.85
C ILE A 134 -1.21 24.65 4.14
N ASP A 135 -1.47 25.93 3.92
CA ASP A 135 -2.79 26.49 4.21
C ASP A 135 -3.65 26.65 2.96
N ARG A 136 -3.02 26.78 1.81
CA ARG A 136 -3.74 27.12 0.60
C ARG A 136 -3.15 26.48 -0.65
N VAL A 137 -4.00 25.81 -1.43
CA VAL A 137 -3.61 25.28 -2.72
C VAL A 137 -4.66 25.66 -3.76
N GLU A 138 -4.24 26.39 -4.79
CA GLU A 138 -5.18 26.91 -5.78
C GLU A 138 -4.78 26.54 -7.21
N ILE A 139 -5.80 26.34 -8.06
CA ILE A 139 -5.57 26.10 -9.47
C ILE A 139 -6.09 27.29 -10.27
N GLN A 140 -5.26 27.82 -11.16
CA GLN A 140 -5.63 28.99 -11.94
C GLN A 140 -6.80 28.71 -12.88
N ALA A 141 -7.89 29.45 -12.68
CA ALA A 141 -9.05 29.35 -13.56
C ALA A 141 -9.23 30.65 -14.30
N GLY A 142 -8.68 30.73 -15.50
CA GLY A 142 -8.68 31.96 -16.27
C GLY A 142 -7.65 32.92 -15.69
N ARG A 143 -8.13 33.99 -15.05
CA ARG A 143 -7.24 34.95 -14.41
C ARG A 143 -7.44 34.92 -12.90
N GLN A 144 -8.38 34.11 -12.45
CA GLN A 144 -8.65 33.95 -11.03
C GLN A 144 -8.04 32.65 -10.51
N TRP A 145 -8.14 32.44 -9.20
CA TRP A 145 -7.61 31.23 -8.58
C TRP A 145 -8.71 30.42 -7.91
N LEU A 146 -8.87 29.17 -8.33
CA LEU A 146 -9.85 28.27 -7.72
C LEU A 146 -9.24 27.53 -6.55
N PRO A 147 -9.72 27.81 -5.34
CA PRO A 147 -9.19 27.18 -4.13
C PRO A 147 -9.56 25.70 -4.06
N LEU A 148 -8.61 24.86 -3.66
CA LEU A 148 -8.87 23.44 -3.50
C LEU A 148 -9.23 23.12 -2.06
N THR A 149 -9.94 22.01 -1.86
CA THR A 149 -10.35 21.59 -0.53
C THR A 149 -9.36 20.59 0.06
N ARG A 150 -8.87 20.86 1.26
CA ARG A 150 -7.97 19.94 1.95
C ARG A 150 -8.74 18.71 2.43
N THR A 151 -8.34 17.54 1.94
CA THR A 151 -8.95 16.29 2.37
C THR A 151 -8.24 15.80 3.63
N ASP A 152 -8.81 14.81 4.29
CA ASP A 152 -8.19 14.24 5.48
C ASP A 152 -7.30 13.06 5.13
N TYR A 153 -6.93 12.96 3.85
CA TYR A 153 -6.00 11.92 3.42
C TYR A 153 -4.78 12.45 2.66
N GLY A 154 -4.46 13.73 2.88
CA GLY A 154 -3.22 14.30 2.38
C GLY A 154 -3.28 14.93 1.00
N TYR A 155 -4.49 15.00 0.43
CA TYR A 155 -4.66 15.60 -0.89
C TYR A 155 -5.48 16.88 -0.87
N TRP A 156 -5.44 17.61 -1.97
CA TRP A 156 -6.28 18.79 -2.16
C TRP A 156 -7.14 18.57 -3.40
N VAL A 157 -8.45 18.71 -3.24
CA VAL A 157 -9.37 18.38 -4.32
C VAL A 157 -10.15 19.57 -4.86
N THR A 158 -10.55 19.48 -6.12
CA THR A 158 -11.32 20.53 -6.78
C THR A 158 -12.79 20.46 -6.37
N PRO A 159 -13.39 21.61 -6.04
CA PRO A 159 -14.82 21.70 -5.71
C PRO A 159 -15.65 21.88 -6.97
N SER A 160 -14.96 22.05 -8.10
CA SER A 160 -15.62 22.32 -9.38
C SER A 160 -14.65 22.02 -10.52
N PRO A 161 -15.17 21.82 -11.74
CA PRO A 161 -14.32 21.54 -12.91
C PRO A 161 -13.24 22.59 -13.16
N ILE A 162 -12.14 22.15 -13.77
CA ILE A 162 -11.05 23.06 -14.12
C ILE A 162 -10.80 23.05 -15.62
N GLN A 163 -10.12 24.09 -16.11
CA GLN A 163 -9.85 24.23 -17.54
C GLN A 163 -8.87 23.17 -18.02
N ASP A 164 -8.84 22.93 -19.33
CA ASP A 164 -7.94 21.94 -19.91
C ASP A 164 -6.56 22.57 -20.18
N GLY A 165 -5.58 21.72 -20.47
CA GLY A 165 -4.22 22.18 -20.70
C GLY A 165 -3.37 22.05 -19.46
N PRO A 166 -2.16 22.64 -19.49
CA PRO A 166 -1.24 22.59 -18.35
C PRO A 166 -1.81 23.30 -17.13
N LEU A 167 -1.51 22.80 -15.94
CA LEU A 167 -2.01 23.40 -14.71
C LEU A 167 -1.06 24.44 -14.13
N THR A 168 -1.62 25.55 -13.67
CA THR A 168 -0.85 26.55 -12.94
C THR A 168 -1.32 26.57 -11.50
N VAL A 169 -0.49 26.04 -10.60
CA VAL A 169 -0.89 25.87 -9.21
C VAL A 169 -0.10 26.77 -8.26
N LYS A 170 -0.82 27.49 -7.42
CA LYS A 170 -0.20 28.31 -6.38
C LYS A 170 -0.38 27.65 -5.03
N VAL A 171 0.74 27.39 -4.35
CA VAL A 171 0.71 26.79 -3.03
C VAL A 171 1.24 27.76 -1.98
N THR A 172 0.47 27.95 -0.91
CA THR A 172 0.85 28.86 0.16
C THR A 172 0.99 28.10 1.48
N ASP A 173 2.15 28.21 2.11
CA ASP A 173 2.39 27.51 3.38
C ASP A 173 1.82 28.27 4.58
N GLN A 174 2.07 27.74 5.77
CA GLN A 174 1.52 28.33 6.99
C GLN A 174 2.18 29.66 7.36
N TYR A 175 3.27 30.00 6.68
CA TYR A 175 4.00 31.23 6.99
C TYR A 175 3.72 32.33 5.97
N GLY A 176 2.72 32.12 5.13
CA GLY A 176 2.32 33.12 4.14
C GLY A 176 3.21 33.15 2.92
N ARG A 177 4.14 32.20 2.84
CA ARG A 177 5.03 32.11 1.69
C ARG A 177 4.36 31.29 0.58
N ALA A 178 4.40 31.81 -0.63
CA ALA A 178 3.72 31.16 -1.76
C ALA A 178 4.64 30.94 -2.95
N VAL A 179 4.51 29.77 -3.57
CA VAL A 179 5.21 29.48 -4.81
C VAL A 179 4.19 29.15 -5.90
N VAL A 180 4.51 29.49 -7.14
CA VAL A 180 3.64 29.22 -8.27
C VAL A 180 4.26 28.17 -9.19
N LEU A 181 3.51 27.11 -9.44
CA LEU A 181 4.02 25.97 -10.20
C LEU A 181 3.29 25.84 -11.54
N PRO A 182 3.88 26.41 -12.60
CA PRO A 182 3.28 26.38 -13.95
C PRO A 182 3.65 25.11 -14.70
N GLY A 183 2.85 24.77 -15.71
CA GLY A 183 3.17 23.65 -16.58
C GLY A 183 2.92 22.28 -15.97
N LEU A 184 2.19 22.25 -14.86
CA LEU A 184 1.84 20.98 -14.23
C LEU A 184 0.86 20.20 -15.11
N ARG A 185 1.17 18.93 -15.35
CA ARG A 185 0.39 18.12 -16.27
C ARG A 185 -0.67 17.29 -15.56
N MET A 186 -1.79 17.06 -16.24
CA MET A 186 -2.83 16.17 -15.73
C MET A 186 -2.36 14.72 -15.91
N ALA A 187 -1.46 14.29 -15.03
CA ALA A 187 -0.89 12.96 -15.10
C ALA A 187 -1.05 12.23 -13.77
N PRO A 188 -2.19 11.54 -13.61
CA PRO A 188 -2.53 10.83 -12.37
C PRO A 188 -1.48 9.80 -11.97
N GLY A 189 -1.02 9.88 -10.71
CA GLY A 189 -0.09 8.91 -10.18
C GLY A 189 1.36 9.31 -10.30
N GLU A 190 1.65 10.27 -11.16
CA GLU A 190 3.03 10.68 -11.40
C GLU A 190 3.50 11.74 -10.41
N ILE A 191 4.73 11.59 -9.93
CA ILE A 191 5.36 12.60 -9.09
C ILE A 191 6.09 13.61 -9.96
N GLN A 192 5.53 14.81 -10.08
CA GLN A 192 6.10 15.84 -10.93
C GLN A 192 7.06 16.73 -10.15
N ARG A 193 8.34 16.63 -10.45
CA ARG A 193 9.35 17.42 -9.78
C ARG A 193 9.26 18.88 -10.21
N THR A 194 9.67 19.78 -9.32
CA THR A 194 9.77 21.19 -9.66
C THR A 194 11.15 21.71 -9.23
N ALA A 195 11.41 22.97 -9.50
CA ALA A 195 12.66 23.60 -9.06
C ALA A 195 12.34 24.70 -8.06
N SER A 196 11.16 24.61 -7.45
CA SER A 196 10.69 25.64 -6.52
C SER A 196 10.90 25.23 -5.07
N ARG A 197 11.14 26.24 -4.22
CA ARG A 197 11.32 26.02 -2.79
C ARG A 197 10.63 27.14 -2.01
N PHE A 198 10.12 26.81 -0.82
CA PHE A 198 9.50 27.81 0.04
C PHE A 198 10.56 28.58 0.82
N TYR A 199 11.75 28.00 0.93
CA TYR A 199 12.87 28.64 1.60
C TYR A 199 14.19 28.14 1.00
N PRO A 200 15.15 29.06 0.83
CA PRO A 200 16.40 28.78 0.12
C PRO A 200 17.27 27.71 0.78
N VAL A 201 18.26 27.22 0.04
CA VAL A 201 19.20 26.23 0.55
C VAL A 201 20.44 26.93 1.10
N HIS A 202 20.75 26.67 2.36
CA HIS A 202 21.93 27.27 3.00
C HIS A 202 22.81 26.20 3.64
N MET B 1 -1.42 3.38 -9.84
CA MET B 1 -1.50 4.02 -11.15
C MET B 1 -2.07 3.04 -12.18
N THR B 2 -2.89 3.57 -13.08
CA THR B 2 -3.53 2.75 -14.11
C THR B 2 -2.52 2.23 -15.13
N THR B 3 -2.57 0.91 -15.39
CA THR B 3 -1.73 0.30 -16.41
C THR B 3 -2.52 0.15 -17.70
N HIS B 4 -1.98 0.68 -18.79
CA HIS B 4 -2.60 0.54 -20.11
C HIS B 4 -1.93 -0.59 -20.87
N GLY B 5 -2.73 -1.51 -21.40
CA GLY B 5 -2.18 -2.64 -22.13
C GLY B 5 -3.19 -3.37 -22.99
N ARG B 6 -2.95 -4.67 -23.19
CA ARG B 6 -3.82 -5.51 -24.00
C ARG B 6 -4.07 -6.84 -23.31
N ALA B 7 -4.98 -7.63 -23.86
CA ALA B 7 -5.32 -8.91 -23.24
C ALA B 7 -5.60 -10.01 -24.27
N THR B 8 -5.06 -11.18 -24.00
CA THR B 8 -5.41 -12.39 -24.73
C THR B 8 -6.18 -13.30 -23.79
N HIS B 9 -6.53 -14.50 -24.24
CA HIS B 9 -7.26 -15.43 -23.39
C HIS B 9 -6.68 -16.84 -23.37
N TYR B 10 -6.80 -17.48 -22.22
CA TYR B 10 -6.39 -18.88 -22.05
C TYR B 10 -7.31 -19.50 -20.99
N SER B 11 -7.10 -20.77 -20.70
CA SER B 11 -7.95 -21.44 -19.71
C SER B 11 -7.19 -22.47 -18.88
N LEU B 12 -7.55 -22.55 -17.60
CA LEU B 12 -6.97 -23.54 -16.70
C LEU B 12 -7.95 -24.70 -16.52
N GLY B 13 -9.10 -24.61 -17.17
CA GLY B 13 -10.12 -25.64 -17.08
C GLY B 13 -10.89 -25.56 -15.78
N GLN B 14 -11.65 -26.61 -15.47
CA GLN B 14 -12.41 -26.67 -14.23
C GLN B 14 -11.49 -26.81 -13.02
N GLY B 15 -10.26 -27.29 -13.27
CA GLY B 15 -9.23 -27.29 -12.26
C GLY B 15 -9.27 -28.44 -11.27
N ASN B 16 -8.20 -28.54 -10.48
CA ASN B 16 -8.09 -29.59 -9.47
C ASN B 16 -8.13 -29.01 -8.06
N THR B 17 -7.93 -29.86 -7.07
CA THR B 17 -7.98 -29.43 -5.67
C THR B 17 -6.60 -29.38 -5.04
N ILE B 18 -5.57 -29.34 -5.87
CA ILE B 18 -4.19 -29.36 -5.38
C ILE B 18 -3.43 -28.09 -5.76
N ALA B 19 -3.36 -27.80 -7.06
CA ALA B 19 -2.61 -26.64 -7.53
C ALA B 19 -3.10 -26.16 -8.90
N ASN B 20 -3.63 -24.94 -8.94
CA ASN B 20 -4.13 -24.35 -10.17
C ASN B 20 -3.39 -23.06 -10.53
N GLY B 21 -2.79 -23.05 -11.72
CA GLY B 21 -1.98 -21.92 -12.14
C GLY B 21 -0.65 -21.92 -11.41
N ASN B 22 0.22 -20.97 -11.75
CA ASN B 22 1.53 -20.89 -11.11
C ASN B 22 1.42 -20.53 -9.64
N CYS B 23 0.34 -19.83 -9.27
CA CYS B 23 0.13 -19.46 -7.87
C CYS B 23 -0.33 -20.63 -7.02
N SER B 24 -0.51 -21.79 -7.66
CA SER B 24 -0.95 -23.02 -7.00
C SER B 24 -2.25 -22.82 -6.23
N MET B 25 -3.26 -22.30 -6.91
CA MET B 25 -4.59 -22.13 -6.31
C MET B 25 -5.15 -23.48 -5.89
N PRO B 26 -5.84 -23.52 -4.74
CA PRO B 26 -6.49 -24.74 -4.28
C PRO B 26 -7.69 -25.09 -5.16
N ALA B 27 -8.19 -24.09 -5.88
CA ALA B 27 -9.32 -24.28 -6.79
C ALA B 27 -9.41 -23.14 -7.80
N VAL B 28 -9.95 -23.45 -8.97
CA VAL B 28 -10.28 -22.42 -9.94
C VAL B 28 -11.54 -21.71 -9.45
N PRO B 29 -11.49 -20.36 -9.38
CA PRO B 29 -12.61 -19.54 -8.91
C PRO B 29 -13.94 -19.94 -9.53
N ALA B 30 -14.99 -19.92 -8.72
CA ALA B 30 -16.33 -20.33 -9.17
C ALA B 30 -16.87 -19.44 -10.27
N ASP B 31 -16.44 -18.17 -10.28
CA ASP B 31 -16.89 -17.23 -11.29
C ASP B 31 -15.96 -17.24 -12.51
N ARG B 32 -14.93 -18.08 -12.45
CA ARG B 32 -13.97 -18.25 -13.53
C ARG B 32 -13.25 -16.94 -13.90
N MET B 33 -13.23 -16.00 -12.97
CA MET B 33 -12.57 -14.72 -13.20
C MET B 33 -11.14 -14.72 -12.67
N TYR B 34 -10.22 -15.22 -13.49
CA TYR B 34 -8.81 -15.25 -13.12
C TYR B 34 -7.94 -14.72 -14.26
N VAL B 35 -6.67 -14.48 -13.96
CA VAL B 35 -5.76 -13.88 -14.94
C VAL B 35 -4.31 -14.30 -14.70
N ALA B 36 -3.57 -14.48 -15.78
CA ALA B 36 -2.13 -14.68 -15.70
C ALA B 36 -1.43 -13.38 -16.05
N VAL B 37 -0.42 -13.02 -15.27
CA VAL B 37 0.29 -11.76 -15.47
C VAL B 37 1.72 -11.99 -15.95
N SER B 38 2.30 -10.96 -16.54
CA SER B 38 3.66 -11.02 -17.05
C SER B 38 4.67 -11.35 -15.95
N SER B 39 5.80 -11.90 -16.33
CA SER B 39 6.86 -12.25 -15.38
C SER B 39 7.31 -11.10 -14.46
N PRO B 40 7.52 -9.89 -15.02
CA PRO B 40 7.87 -8.79 -14.12
C PRO B 40 6.74 -8.46 -13.14
N GLU B 41 5.50 -8.48 -13.63
CA GLU B 41 4.34 -8.17 -12.79
C GLU B 41 4.03 -9.32 -11.83
N TYR B 42 4.42 -10.53 -12.22
CA TYR B 42 4.27 -11.70 -11.36
C TYR B 42 5.13 -11.52 -10.12
N SER B 43 6.33 -10.99 -10.35
CA SER B 43 7.23 -10.57 -9.26
C SER B 43 7.51 -11.68 -8.25
N GLY B 44 7.94 -12.84 -8.73
CA GLY B 44 8.22 -13.98 -7.87
C GLY B 44 7.01 -14.45 -7.10
N ALA B 45 5.86 -14.44 -7.78
CA ALA B 45 4.58 -14.87 -7.21
C ALA B 45 4.04 -13.97 -6.09
N ALA B 46 4.57 -12.75 -6.01
CA ALA B 46 4.10 -11.80 -5.01
C ALA B 46 2.74 -11.22 -5.41
N ALA B 47 2.40 -11.37 -6.69
CA ALA B 47 1.14 -10.85 -7.20
C ALA B 47 -0.01 -11.84 -6.97
N CYS B 48 0.34 -13.05 -6.57
CA CYS B 48 -0.65 -14.10 -6.29
C CYS B 48 -1.60 -13.66 -5.17
N GLY B 49 -2.86 -14.02 -5.31
CA GLY B 49 -3.85 -13.71 -4.28
C GLY B 49 -4.50 -12.35 -4.46
N THR B 50 -3.81 -11.46 -5.17
CA THR B 50 -4.33 -10.12 -5.40
C THR B 50 -5.37 -10.13 -6.53
N PHE B 51 -6.14 -9.05 -6.62
CA PHE B 51 -7.18 -8.93 -7.64
C PHE B 51 -6.94 -7.72 -8.52
N LEU B 52 -7.40 -7.80 -9.77
CA LEU B 52 -7.27 -6.69 -10.70
C LEU B 52 -8.64 -6.27 -11.23
N ASP B 53 -8.86 -4.97 -11.35
CA ASP B 53 -10.04 -4.46 -12.03
C ASP B 53 -9.67 -4.10 -13.46
N VAL B 54 -10.07 -4.94 -14.40
CA VAL B 54 -9.67 -4.79 -15.80
C VAL B 54 -10.80 -4.23 -16.66
N THR B 55 -10.54 -3.09 -17.27
CA THR B 55 -11.53 -2.44 -18.15
C THR B 55 -11.29 -2.80 -19.61
N GLY B 56 -12.34 -3.27 -20.27
CA GLY B 56 -12.26 -3.61 -21.67
C GLY B 56 -13.33 -2.91 -22.48
N PRO B 57 -13.39 -3.20 -23.80
CA PRO B 57 -14.37 -2.61 -24.71
C PRO B 57 -15.82 -2.80 -24.28
N LYS B 58 -16.12 -3.85 -23.52
CA LYS B 58 -17.49 -4.13 -23.11
C LYS B 58 -17.75 -3.83 -21.63
N GLY B 59 -16.73 -3.34 -20.93
CA GLY B 59 -16.90 -2.94 -19.55
C GLY B 59 -15.70 -3.20 -18.67
N THR B 60 -15.97 -3.56 -17.41
CA THR B 60 -14.92 -3.78 -16.42
C THR B 60 -15.24 -4.97 -15.53
N VAL B 61 -14.25 -5.83 -15.28
CA VAL B 61 -14.43 -7.00 -14.44
C VAL B 61 -13.31 -7.14 -13.41
N ARG B 62 -13.58 -7.85 -12.33
CA ARG B 62 -12.57 -8.12 -11.31
C ARG B 62 -12.07 -9.56 -11.41
N VAL B 63 -10.78 -9.71 -11.63
CA VAL B 63 -10.16 -11.02 -11.78
C VAL B 63 -9.06 -11.24 -10.75
N GLN B 64 -8.94 -12.47 -10.27
CA GLN B 64 -7.89 -12.83 -9.32
C GLN B 64 -6.62 -13.24 -10.06
N VAL B 65 -5.50 -12.63 -9.69
CA VAL B 65 -4.21 -13.02 -10.24
C VAL B 65 -3.91 -14.46 -9.81
N ALA B 66 -3.71 -15.34 -10.77
CA ALA B 66 -3.68 -16.77 -10.50
C ALA B 66 -2.50 -17.51 -11.12
N ASP B 67 -1.86 -16.88 -12.11
CA ASP B 67 -0.87 -17.58 -12.91
C ASP B 67 0.17 -16.61 -13.47
N GLN B 68 1.23 -17.16 -14.05
CA GLN B 68 2.27 -16.36 -14.67
C GLN B 68 2.31 -16.59 -16.17
N CYS B 69 2.28 -15.51 -16.94
CA CYS B 69 2.37 -15.60 -18.39
C CYS B 69 3.77 -15.23 -18.86
N HIS B 70 4.62 -16.25 -19.01
CA HIS B 70 6.01 -16.04 -19.43
C HIS B 70 6.09 -15.33 -20.78
N GLY B 71 5.15 -15.62 -21.67
CA GLY B 71 5.14 -15.05 -23.00
C GLY B 71 4.49 -13.69 -23.06
N CYS B 72 3.88 -13.27 -21.96
CA CYS B 72 3.23 -11.97 -21.89
C CYS B 72 4.21 -10.87 -21.48
N GLU B 73 4.21 -9.77 -22.22
CA GLU B 73 5.03 -8.62 -21.86
C GLU B 73 4.29 -7.78 -20.83
N VAL B 74 4.97 -6.75 -20.31
CA VAL B 74 4.35 -5.86 -19.34
C VAL B 74 3.14 -5.15 -19.95
N GLY B 75 1.99 -5.28 -19.30
CA GLY B 75 0.76 -4.69 -19.79
C GLY B 75 -0.12 -5.72 -20.50
N HIS B 76 0.47 -6.87 -20.82
CA HIS B 76 -0.25 -7.94 -21.48
C HIS B 76 -0.79 -8.92 -20.45
N LEU B 77 -2.11 -8.94 -20.29
CA LEU B 77 -2.76 -9.87 -19.38
C LEU B 77 -3.28 -11.09 -20.13
N ASN B 78 -3.09 -12.26 -19.55
CA ASN B 78 -3.67 -13.47 -20.10
C ASN B 78 -4.93 -13.82 -19.31
N LEU B 79 -6.04 -13.18 -19.68
CA LEU B 79 -7.31 -13.34 -18.99
C LEU B 79 -7.87 -14.75 -19.17
N SER B 80 -8.73 -15.16 -18.25
CA SER B 80 -9.49 -16.39 -18.42
C SER B 80 -10.47 -16.17 -19.55
N GLU B 81 -10.96 -17.25 -20.16
CA GLU B 81 -11.87 -17.12 -21.28
C GLU B 81 -13.16 -16.41 -20.89
N GLU B 82 -13.63 -16.68 -19.67
CA GLU B 82 -14.84 -16.05 -19.17
C GLU B 82 -14.64 -14.56 -18.91
N ALA B 83 -13.45 -14.19 -18.44
CA ALA B 83 -13.13 -12.79 -18.19
C ALA B 83 -12.99 -12.01 -19.50
N PHE B 84 -12.41 -12.67 -20.50
CA PHE B 84 -12.22 -12.07 -21.81
C PHE B 84 -13.55 -11.76 -22.46
N ARG B 85 -14.49 -12.70 -22.34
CA ARG B 85 -15.81 -12.55 -22.97
C ARG B 85 -16.63 -11.43 -22.35
N ALA B 86 -16.42 -11.19 -21.07
CA ALA B 86 -17.13 -10.12 -20.37
C ALA B 86 -16.58 -8.76 -20.74
N LEU B 87 -15.40 -8.74 -21.37
CA LEU B 87 -14.75 -7.49 -21.74
C LEU B 87 -14.72 -7.24 -23.24
N GLY B 88 -14.67 -8.32 -24.02
CA GLY B 88 -14.57 -8.19 -25.47
C GLY B 88 -15.07 -9.39 -26.22
N ASP B 89 -15.13 -9.26 -27.54
CA ASP B 89 -15.50 -10.37 -28.41
C ASP B 89 -14.40 -11.43 -28.37
N PHE B 90 -14.79 -12.66 -28.02
CA PHE B 90 -13.84 -13.76 -27.90
C PHE B 90 -13.09 -14.02 -29.20
N ASN B 91 -13.80 -13.89 -30.33
CA ASN B 91 -13.22 -14.14 -31.64
C ASN B 91 -12.14 -13.13 -32.02
N ALA B 92 -12.13 -11.99 -31.35
CA ALA B 92 -11.11 -10.96 -31.61
C ALA B 92 -9.74 -11.44 -31.15
N GLY B 93 -9.71 -12.23 -30.09
CA GLY B 93 -8.48 -12.80 -29.58
C GLY B 93 -7.62 -11.81 -28.79
N ILE B 94 -7.47 -10.61 -29.34
CA ILE B 94 -6.70 -9.56 -28.68
C ILE B 94 -7.56 -8.31 -28.50
N ILE B 95 -7.62 -7.80 -27.28
CA ILE B 95 -8.40 -6.61 -26.98
C ILE B 95 -7.59 -5.57 -26.20
N PRO B 96 -7.85 -4.28 -26.45
CA PRO B 96 -7.22 -3.20 -25.69
C PRO B 96 -7.83 -3.08 -24.30
N ILE B 97 -6.99 -3.00 -23.27
CA ILE B 97 -7.49 -2.92 -21.90
C ILE B 97 -6.75 -1.87 -21.07
N SER B 98 -7.29 -1.62 -19.88
CA SER B 98 -6.62 -0.85 -18.85
C SER B 98 -7.00 -1.47 -17.52
N TYR B 99 -6.05 -1.54 -16.60
CA TYR B 99 -6.31 -2.21 -15.33
C TYR B 99 -5.56 -1.60 -14.14
N VAL B 100 -6.12 -1.80 -12.95
CA VAL B 100 -5.52 -1.33 -11.72
C VAL B 100 -5.56 -2.45 -10.69
N THR B 101 -4.65 -2.39 -9.72
CA THR B 101 -4.68 -3.32 -8.60
C THR B 101 -5.64 -2.77 -7.55
N VAL B 102 -6.58 -3.60 -7.12
CA VAL B 102 -7.56 -3.18 -6.11
C VAL B 102 -6.94 -3.27 -4.70
N ARG B 103 -7.16 -2.21 -3.91
CA ARG B 103 -6.67 -2.20 -2.53
C ARG B 103 -7.78 -2.66 -1.59
N ASP B 104 -7.44 -3.59 -0.70
CA ASP B 104 -8.37 -4.13 0.29
C ASP B 104 -9.71 -4.55 -0.29
N PRO B 105 -9.72 -5.60 -1.13
CA PRO B 105 -10.99 -6.07 -1.68
C PRO B 105 -11.77 -6.85 -0.64
N ALA B 106 -13.10 -6.72 -0.65
CA ALA B 106 -13.94 -7.45 0.28
C ALA B 106 -13.86 -8.94 0.01
N GLY B 107 -13.81 -9.74 1.08
CA GLY B 107 -13.73 -11.18 0.94
C GLY B 107 -13.97 -11.90 2.26
N PRO B 108 -13.73 -13.22 2.28
CA PRO B 108 -13.90 -14.03 3.48
C PRO B 108 -12.71 -13.91 4.43
N THR B 109 -12.75 -14.64 5.53
CA THR B 109 -11.64 -14.62 6.49
C THR B 109 -10.41 -15.33 5.93
N VAL B 110 -9.25 -15.00 6.49
CA VAL B 110 -7.98 -15.58 6.04
C VAL B 110 -7.95 -17.10 6.28
N ALA B 111 -7.53 -17.84 5.26
CA ALA B 111 -7.40 -19.28 5.37
C ALA B 111 -5.95 -19.71 5.15
N ILE B 112 -5.58 -20.85 5.72
CA ILE B 112 -4.21 -21.36 5.59
C ILE B 112 -4.22 -22.81 5.12
N ARG B 113 -3.41 -23.11 4.10
CA ARG B 113 -3.28 -24.48 3.62
C ARG B 113 -1.83 -24.96 3.67
N VAL B 114 -1.63 -26.11 4.29
CA VAL B 114 -0.31 -26.74 4.35
C VAL B 114 -0.07 -27.52 3.07
N LYS B 115 1.10 -27.32 2.47
CA LYS B 115 1.44 -27.98 1.22
C LYS B 115 1.53 -29.49 1.38
N GLU B 116 1.17 -30.23 0.34
CA GLU B 116 1.25 -31.68 0.35
C GLU B 116 2.70 -32.14 0.51
N GLY B 117 2.91 -33.14 1.36
CA GLY B 117 4.23 -33.68 1.61
C GLY B 117 5.03 -32.87 2.60
N SER B 118 4.35 -32.04 3.39
CA SER B 118 5.01 -31.21 4.39
C SER B 118 5.17 -31.96 5.71
N SER B 119 6.11 -31.50 6.54
CA SER B 119 6.33 -32.07 7.85
C SER B 119 7.04 -31.08 8.75
N ARG B 120 7.59 -31.57 9.86
CA ARG B 120 8.32 -30.73 10.80
C ARG B 120 9.67 -30.34 10.21
N TRP B 121 10.29 -31.27 9.50
CA TRP B 121 11.59 -31.03 8.87
C TRP B 121 11.50 -29.98 7.77
N TRP B 122 10.38 -30.00 7.05
CA TRP B 122 10.15 -29.07 5.95
C TRP B 122 8.66 -28.90 5.71
N ALA B 123 8.22 -27.66 5.57
CA ALA B 123 6.79 -27.39 5.38
C ALA B 123 6.55 -26.20 4.45
N GLY B 124 5.42 -26.24 3.76
CA GLY B 124 5.01 -25.16 2.89
C GLY B 124 3.65 -24.62 3.28
N LEU B 125 3.57 -23.32 3.49
CA LEU B 125 2.33 -22.67 3.87
C LEU B 125 1.79 -21.77 2.76
N GLN B 126 0.50 -21.87 2.50
CA GLN B 126 -0.15 -20.97 1.55
C GLN B 126 -1.20 -20.14 2.29
N VAL B 127 -1.13 -18.83 2.13
CA VAL B 127 -2.08 -17.93 2.77
C VAL B 127 -3.17 -17.52 1.78
N LEU B 128 -4.42 -17.73 2.17
CA LEU B 128 -5.55 -17.43 1.31
C LEU B 128 -6.36 -16.24 1.82
N ASN B 129 -6.99 -15.53 0.88
CA ASN B 129 -7.91 -14.44 1.20
C ASN B 129 -7.29 -13.27 1.96
N ALA B 130 -5.98 -13.08 1.79
CA ALA B 130 -5.29 -11.96 2.43
C ALA B 130 -5.75 -10.63 1.84
N GLY B 131 -6.10 -10.66 0.56
CA GLY B 131 -6.61 -9.49 -0.13
C GLY B 131 -5.54 -8.71 -0.85
N ASN B 132 -4.40 -8.53 -0.19
CA ASN B 132 -3.30 -7.76 -0.77
C ASN B 132 -2.00 -8.56 -0.79
N ARG B 133 -0.90 -7.87 -1.12
CA ARG B 133 0.40 -8.51 -1.17
C ARG B 133 0.88 -8.89 0.23
N ILE B 134 1.48 -10.08 0.34
CA ILE B 134 2.02 -10.56 1.60
C ILE B 134 3.55 -10.43 1.57
N ASP B 135 4.13 -9.93 2.65
CA ASP B 135 5.57 -9.73 2.71
C ASP B 135 6.26 -10.64 3.73
N ARG B 136 5.53 -10.97 4.80
CA ARG B 136 6.08 -11.84 5.84
C ARG B 136 5.12 -12.96 6.22
N VAL B 137 5.64 -14.19 6.22
CA VAL B 137 4.92 -15.34 6.76
C VAL B 137 5.84 -16.08 7.70
N GLU B 138 5.49 -16.13 8.98
CA GLU B 138 6.39 -16.65 10.00
C GLU B 138 5.73 -17.69 10.90
N ILE B 139 6.52 -18.69 11.31
CA ILE B 139 6.07 -19.68 12.27
C ILE B 139 6.84 -19.50 13.58
N GLN B 140 6.12 -19.43 14.68
CA GLN B 140 6.73 -19.17 15.99
C GLN B 140 7.74 -20.25 16.37
N ALA B 141 8.99 -19.82 16.61
CA ALA B 141 10.02 -20.72 17.07
C ALA B 141 10.42 -20.35 18.50
N GLY B 142 9.67 -20.87 19.46
CA GLY B 142 9.88 -20.54 20.85
C GLY B 142 9.42 -19.11 21.15
N ARG B 143 10.39 -18.21 21.32
CA ARG B 143 10.08 -16.82 21.59
C ARG B 143 10.19 -15.99 20.31
N GLN B 144 10.92 -16.51 19.34
CA GLN B 144 11.16 -15.80 18.09
C GLN B 144 10.21 -16.26 16.98
N TRP B 145 10.26 -15.56 15.85
CA TRP B 145 9.47 -15.94 14.68
C TRP B 145 10.39 -16.40 13.54
N LEU B 146 10.19 -17.62 13.08
CA LEU B 146 10.97 -18.16 11.98
C LEU B 146 10.37 -17.74 10.64
N PRO B 147 11.07 -16.88 9.90
CA PRO B 147 10.54 -16.38 8.62
C PRO B 147 10.58 -17.46 7.53
N LEU B 148 9.51 -17.55 6.76
CA LEU B 148 9.44 -18.49 5.66
C LEU B 148 9.84 -17.81 4.35
N THR B 149 10.33 -18.61 3.41
CA THR B 149 10.79 -18.09 2.12
C THR B 149 9.68 -18.11 1.08
N ARG B 150 9.47 -16.97 0.42
CA ARG B 150 8.46 -16.88 -0.62
C ARG B 150 8.90 -17.62 -1.88
N THR B 151 8.20 -18.70 -2.21
CA THR B 151 8.49 -19.44 -3.43
C THR B 151 7.86 -18.73 -4.62
N ASP B 152 8.19 -19.19 -5.83
CA ASP B 152 7.61 -18.62 -7.03
C ASP B 152 6.35 -19.36 -7.44
N TYR B 153 5.82 -20.19 -6.54
CA TYR B 153 4.59 -20.92 -6.85
C TYR B 153 3.48 -20.74 -5.81
N GLY B 154 3.45 -19.59 -5.16
CA GLY B 154 2.37 -19.23 -4.28
C GLY B 154 2.46 -19.77 -2.86
N TYR B 155 3.57 -20.40 -2.53
CA TYR B 155 3.77 -20.96 -1.19
C TYR B 155 4.90 -20.28 -0.43
N TRP B 156 4.88 -20.45 0.88
CA TRP B 156 5.98 -20.00 1.74
C TRP B 156 6.58 -21.23 2.41
N VAL B 157 7.90 -21.39 2.29
CA VAL B 157 8.56 -22.59 2.80
C VAL B 157 9.55 -22.32 3.91
N THR B 158 9.70 -23.29 4.82
CA THR B 158 10.59 -23.15 5.96
C THR B 158 12.05 -23.39 5.54
N PRO B 159 12.95 -22.54 6.05
CA PRO B 159 14.39 -22.67 5.77
C PRO B 159 15.04 -23.69 6.71
N SER B 160 14.29 -24.14 7.69
CA SER B 160 14.80 -25.05 8.71
C SER B 160 13.64 -25.73 9.43
N PRO B 161 13.91 -26.87 10.10
CA PRO B 161 12.87 -27.61 10.83
C PRO B 161 12.11 -26.75 11.84
N ILE B 162 10.87 -27.12 12.13
CA ILE B 162 10.04 -26.40 13.08
C ILE B 162 9.72 -27.26 14.30
N GLN B 163 9.31 -26.61 15.39
CA GLN B 163 9.07 -27.28 16.66
C GLN B 163 7.86 -28.19 16.65
N ASP B 164 7.70 -28.97 17.72
CA ASP B 164 6.55 -29.86 17.87
C ASP B 164 5.31 -29.06 18.25
N GLY B 165 4.16 -29.74 18.25
CA GLY B 165 2.92 -29.12 18.68
C GLY B 165 2.23 -28.32 17.60
N PRO B 166 1.13 -27.64 17.97
CA PRO B 166 0.35 -26.79 17.05
C PRO B 166 1.20 -25.65 16.50
N LEU B 167 0.88 -25.19 15.29
CA LEU B 167 1.63 -24.11 14.67
C LEU B 167 0.97 -22.75 14.90
N THR B 168 1.77 -21.79 15.35
CA THR B 168 1.32 -20.40 15.45
C THR B 168 1.94 -19.62 14.32
N VAL B 169 1.11 -19.09 13.43
CA VAL B 169 1.59 -18.42 12.23
C VAL B 169 1.22 -16.94 12.20
N LYS B 170 2.22 -16.08 12.04
CA LYS B 170 1.98 -14.66 11.88
C LYS B 170 2.20 -14.24 10.43
N VAL B 171 1.18 -13.63 9.83
CA VAL B 171 1.25 -13.20 8.45
C VAL B 171 1.12 -11.69 8.34
N THR B 172 2.10 -11.06 7.69
CA THR B 172 2.11 -9.61 7.53
C THR B 172 1.92 -9.20 6.08
N ASP B 173 0.95 -8.33 5.82
CA ASP B 173 0.72 -7.85 4.47
C ASP B 173 1.69 -6.72 4.11
N GLN B 174 1.53 -6.16 2.91
CA GLN B 174 2.40 -5.10 2.44
C GLN B 174 2.20 -3.79 3.20
N TYR B 175 1.08 -3.68 3.90
CA TYR B 175 0.76 -2.44 4.63
C TYR B 175 1.10 -2.52 6.11
N GLY B 176 1.89 -3.52 6.50
CA GLY B 176 2.35 -3.65 7.87
C GLY B 176 1.33 -4.24 8.81
N ARG B 177 0.16 -4.60 8.28
CA ARG B 177 -0.88 -5.21 9.08
C ARG B 177 -0.61 -6.70 9.23
N ALA B 178 -0.69 -7.19 10.46
CA ALA B 178 -0.35 -8.58 10.74
C ALA B 178 -1.44 -9.32 11.51
N VAL B 179 -1.71 -10.55 11.10
CA VAL B 179 -2.61 -11.43 11.83
C VAL B 179 -1.84 -12.60 12.41
N VAL B 180 -2.21 -13.02 13.61
CA VAL B 180 -1.56 -14.15 14.26
C VAL B 180 -2.53 -15.32 14.35
N LEU B 181 -2.11 -16.48 13.83
CA LEU B 181 -2.99 -17.63 13.70
C LEU B 181 -2.49 -18.82 14.49
N PRO B 182 -2.96 -18.96 15.74
CA PRO B 182 -2.58 -20.08 16.59
C PRO B 182 -3.41 -21.32 16.31
N GLY B 183 -2.94 -22.47 16.79
CA GLY B 183 -3.71 -23.70 16.71
C GLY B 183 -3.71 -24.37 15.35
N LEU B 184 -2.88 -23.88 14.42
CA LEU B 184 -2.80 -24.48 13.10
C LEU B 184 -2.10 -25.84 13.16
N ARG B 185 -2.74 -26.84 12.54
CA ARG B 185 -2.25 -28.21 12.57
C ARG B 185 -1.39 -28.54 11.37
N MET B 186 -0.51 -29.53 11.52
CA MET B 186 0.25 -30.06 10.40
C MET B 186 -0.63 -31.02 9.60
N ALA B 187 -1.52 -30.44 8.80
CA ALA B 187 -2.46 -31.23 8.01
C ALA B 187 -2.39 -30.85 6.53
N PRO B 188 -1.48 -31.49 5.78
CA PRO B 188 -1.26 -31.20 4.37
C PRO B 188 -2.51 -31.39 3.51
N GLY B 189 -2.76 -30.45 2.61
CA GLY B 189 -3.89 -30.54 1.69
C GLY B 189 -5.16 -29.90 2.22
N GLU B 190 -5.28 -29.80 3.53
CA GLU B 190 -6.48 -29.26 4.15
C GLU B 190 -6.46 -27.74 4.23
N ILE B 191 -7.55 -27.11 3.81
CA ILE B 191 -7.68 -25.66 3.93
C ILE B 191 -8.23 -25.31 5.31
N GLN B 192 -7.39 -24.72 6.15
CA GLN B 192 -7.78 -24.40 7.51
C GLN B 192 -8.26 -22.97 7.63
N ARG B 193 -9.56 -22.81 7.85
CA ARG B 193 -10.18 -21.49 7.96
C ARG B 193 -9.82 -20.84 9.30
N THR B 194 -9.78 -19.52 9.32
CA THR B 194 -9.57 -18.78 10.57
C THR B 194 -10.69 -17.77 10.78
N ALA B 195 -10.57 -16.97 11.83
CA ALA B 195 -11.53 -15.92 12.11
C ALA B 195 -10.85 -14.56 12.04
N SER B 196 -9.66 -14.53 11.44
CA SER B 196 -8.87 -13.31 11.37
C SER B 196 -9.01 -12.60 10.03
N ARG B 197 -8.83 -11.28 10.04
CA ARG B 197 -8.86 -10.46 8.84
C ARG B 197 -7.79 -9.39 8.92
N PHE B 198 -7.28 -8.97 7.78
CA PHE B 198 -6.33 -7.86 7.73
C PHE B 198 -7.06 -6.52 7.79
N TYR B 199 -8.31 -6.54 7.33
CA TYR B 199 -9.15 -5.35 7.34
C TYR B 199 -10.62 -5.75 7.56
N PRO B 200 -11.36 -4.94 8.31
CA PRO B 200 -12.73 -5.28 8.71
C PRO B 200 -13.72 -5.29 7.54
N VAL B 201 -14.89 -5.89 7.77
CA VAL B 201 -15.95 -5.93 6.78
C VAL B 201 -16.83 -4.69 6.92
N HIS B 202 -17.23 -4.11 5.80
CA HIS B 202 -18.07 -2.92 5.80
C HIS B 202 -19.50 -3.26 6.22
C2 BGC C . -18.98 14.29 -18.20
C3 BGC C . -18.82 13.38 -16.98
C4 BGC C . -18.91 14.20 -15.69
C5 BGC C . -20.15 15.07 -15.69
C6 BGC C . -20.22 15.95 -14.44
C1 BGC C . -20.24 15.15 -18.06
O1 BGC C . -20.33 16.04 -19.17
O2 BGC C . -19.06 13.51 -19.39
O3 BGC C . -17.56 12.72 -17.06
O4 BGC C . -18.97 13.33 -14.56
O5 BGC C . -20.16 15.92 -16.85
O6 BGC C . -21.40 16.76 -14.48
C2 BGC C . -17.95 13.38 -12.37
C3 BGC C . -16.63 13.26 -11.62
C4 BGC C . -15.91 11.98 -12.04
C5 BGC C . -15.80 11.89 -13.56
C6 BGC C . -15.17 10.56 -13.97
C1 BGC C . -17.72 13.26 -13.87
O2 BGC C . -18.54 14.66 -12.09
O3 BGC C . -16.90 13.24 -10.22
O4 BGC C . -14.58 11.96 -11.50
O5 BGC C . -17.09 12.01 -14.17
O6 BGC C . -14.95 10.55 -15.38
C2 BGC C . -13.10 10.57 -10.21
C3 BGC C . -12.97 9.75 -8.93
C4 BGC C . -13.37 10.60 -7.74
C5 BGC C . -14.73 11.28 -7.96
C6 BGC C . -15.05 12.23 -6.83
C1 BGC C . -14.49 11.17 -10.32
O2 BGC C . -12.83 9.74 -11.35
O3 BGC C . -11.62 9.30 -8.80
O4 BGC C . -13.48 9.80 -6.57
O5 BGC C . -14.73 12.00 -9.19
O6 BGC C . -16.25 12.95 -7.14
C2 BGC C . -12.74 9.98 -4.28
C3 BGC C . -11.53 9.89 -3.36
C4 BGC C . -10.71 8.64 -3.66
C5 BGC C . -10.39 8.57 -5.15
C6 BGC C . -9.65 7.29 -5.50
C1 BGC C . -12.32 9.84 -5.74
O2 BGC C . -13.40 11.24 -4.11
O3 BGC C . -11.99 9.86 -2.00
O4 BGC C . -9.50 8.67 -2.93
O5 BGC C . -11.59 8.63 -5.92
O6 BGC C . -9.34 7.30 -6.90
C2 BGC C . -8.04 7.21 -1.68
C3 BGC C . -7.94 6.28 -0.48
C4 BGC C . -8.50 6.95 0.77
C5 BGC C . -9.88 7.55 0.49
C6 BGC C . -10.40 8.34 1.67
C1 BGC C . -9.46 7.73 -1.85
O2 BGC C . -7.66 6.50 -2.87
O3 BGC C . -6.57 5.92 -0.27
O4 BGC C . -8.60 5.98 1.81
O5 BGC C . -9.84 8.41 -0.65
O6 BGC C . -11.73 8.79 1.41
C2 BGC C . -8.55 5.80 4.20
C3 BGC C . -7.72 6.06 5.44
C4 BGC C . -6.33 5.44 5.28
C5 BGC C . -5.69 5.93 3.98
C6 BGC C . -4.36 5.22 3.77
C1 BGC C . -7.82 6.29 2.96
O2 BGC C . -9.81 6.47 4.31
O3 BGC C . -8.36 5.49 6.59
O4 BGC C . -5.51 5.81 6.39
O5 BGC C . -6.54 5.65 2.86
O6 BGC C . -3.70 5.77 2.61
C2 BGC D . 4.91 -24.13 -12.40
C3 BGC D . 5.16 -25.39 -11.56
C4 BGC D . 4.16 -25.47 -10.41
C5 BGC D . 2.73 -25.26 -10.90
C6 BGC D . 1.75 -25.22 -9.72
C1 BGC D . 3.45 -24.06 -12.81
O1 BGC D . 3.22 -22.85 -13.56
O2 BGC D . 5.74 -24.15 -13.57
O3 BGC D . 6.49 -25.34 -11.04
O4 BGC D . 4.26 -26.76 -9.82
O5 BGC D . 2.63 -24.04 -11.63
O6 BGC D . 0.43 -25.02 -10.21
C2 BGC D . 4.38 -27.98 -7.75
C3 BGC D . 5.01 -27.99 -6.36
C4 BGC D . 6.52 -27.85 -6.46
C5 BGC D . 6.91 -26.67 -7.34
C6 BGC D . 8.41 -26.62 -7.56
C1 BGC D . 4.83 -26.74 -8.51
O2 BGC D . 2.95 -27.98 -7.63
O3 BGC D . 4.68 -29.23 -5.72
O4 BGC D . 7.07 -27.64 -5.16
O5 BGC D . 6.25 -26.74 -8.61
O6 BGC D . 8.74 -25.52 -8.41
C2 BGC D . 8.88 -28.38 -3.73
C3 BGC D . 9.56 -29.60 -3.13
C4 BGC D . 8.53 -30.51 -2.46
C5 BGC D . 7.38 -30.81 -3.42
C6 BGC D . 6.30 -31.62 -2.72
C1 BGC D . 7.74 -28.81 -4.66
O2 BGC D . 9.83 -27.60 -4.46
O3 BGC D . 10.52 -29.17 -2.16
O4 BGC D . 9.13 -31.74 -2.07
O5 BGC D . 6.81 -29.60 -3.92
O6 BGC D . 5.76 -30.85 -1.64
C2 BGC D . 9.11 -33.20 -0.13
C3 BGC D . 9.48 -33.29 1.34
C4 BGC D . 10.94 -32.86 1.56
C5 BGC D . 11.23 -31.53 0.87
C6 BGC D . 12.71 -31.20 0.95
C1 BGC D . 9.44 -31.81 -0.68
O2 BGC D . 7.71 -33.47 -0.29
O3 BGC D . 9.29 -34.63 1.78
O4 BGC D . 11.24 -32.73 2.94
O5 BGC D . 10.83 -31.55 -0.49
O6 BGC D . 13.08 -30.99 2.31
C2 BGC D . 13.10 -33.59 4.22
C3 BGC D . 13.68 -34.85 4.86
C4 BGC D . 12.67 -35.48 5.80
C5 BGC D . 11.32 -35.65 5.11
C6 BGC D . 10.26 -36.12 6.10
C1 BGC D . 11.79 -33.92 3.53
O2 BGC D . 14.03 -33.06 3.27
O3 BGC D . 14.88 -34.50 5.56
O4 BGC D . 13.12 -36.77 6.21
O5 BGC D . 10.89 -34.43 4.51
O6 BGC D . 9.03 -36.33 5.42
C2 BGC D . 13.72 -38.18 8.08
C3 BGC D . 14.55 -38.28 9.34
C4 BGC D . 15.97 -37.78 9.06
C5 BGC D . 15.91 -36.37 8.48
C6 BGC D . 17.30 -35.84 8.18
C1 BGC D . 13.78 -36.78 7.47
O2 BGC D . 12.35 -38.52 8.38
O3 BGC D . 14.60 -39.64 9.79
O4 BGC D . 16.73 -37.78 10.27
O5 BGC D . 15.14 -36.39 7.29
O6 BGC D . 17.20 -34.55 7.57
#